data_7W6X
#
_entry.id   7W6X
#
_cell.length_a   47.340
_cell.length_b   56.120
_cell.length_c   69.670
_cell.angle_alpha   68.167
_cell.angle_beta   74.591
_cell.angle_gamma   69.346
#
_symmetry.space_group_name_H-M   'P 1'
#
loop_
_entity.id
_entity.type
_entity.pdbx_description
1 polymer 'Regulator of sigma-E protease RseP'
2 non-polymer 'ZINC ION'
3 non-polymer 4-(N-HYDROXYAMINO)-2R-ISOBUTYL-2S-(2-THIENYLTHIOMETHYL)SUCCINYL-L-PHENYLALANINE-N-METHYLAMIDE
#
_entity_poly.entity_id   1
_entity_poly.type   'polypeptide(L)'
_entity_poly.pdbx_seq_one_letter_code
;(FME)LSFLWDLASFIVALGVLITVHEFGHFWVARRCGVRVERFSIGFGKALWRRTDKLGTEYVIALIPLGGYVKMLDER
AEPVVPELRHHAFNNKSVGQRAAIIAAGPVANFIFAIFAYWLVFIIGVPGVRPVVGEIAANSIAAEAQIAPGTELKAVDG
IETPDWDAVRLQLVDKIGDESTTITVAPFGSDQRRDVKLDLRHWAFEPDKEDPVSSLGIRPRGPQIEPVLENVQPNSAAS
KAGLQAGDRIVKVDGQPLTQWVTFVMLVRDNPGKSLALEIERQGSPLSLTLIPESKPGNGKAIGFVGIEPKVIPLPDEYK
VVRQYGPFNAIVEATDKTWQLMKLTVSMLGKLITGDVKLNNLSGPISIAKGAGMTAELGVVYYLPFLALISVNLGIINLF
PLPVLDGGHLLFLAIEKIKGGPVSERVQDFCYRIGSILLVLLMGLALFNDFSRLGTENLYFQ
;
_entity_poly.pdbx_strand_id   A
#
loop_
_chem_comp.id
_chem_comp.type
_chem_comp.name
_chem_comp.formula
BAT non-polymer 4-(N-HYDROXYAMINO)-2R-ISOBUTYL-2S-(2-THIENYLTHIOMETHYL)SUCCINYL-L-PHENYLALANINE-N-METHYLAMIDE 'C23 H31 N3 O4 S2'
ZN non-polymer 'ZINC ION' 'Zn 2'
#
# COMPACT_ATOMS: atom_id res chain seq x y z
N FME A 1 5.81 10.92 -19.77
CN FME A 1 6.32 10.21 -18.71
O1 FME A 1 5.79 10.19 -17.58
CA FME A 1 4.62 11.72 -19.68
CB FME A 1 4.38 12.55 -20.96
CG FME A 1 3.66 13.84 -20.64
SD FME A 1 4.66 14.69 -19.45
CE FME A 1 4.56 16.35 -20.00
C FME A 1 3.36 10.87 -19.44
O FME A 1 2.55 11.12 -18.56
N LEU A 2 3.21 9.85 -20.29
CA LEU A 2 2.04 8.98 -20.24
C LEU A 2 1.99 8.15 -18.96
N SER A 3 3.12 8.05 -18.27
CA SER A 3 3.20 7.29 -17.02
C SER A 3 2.96 8.17 -15.81
N PHE A 4 3.65 9.32 -15.75
CA PHE A 4 3.50 10.23 -14.62
C PHE A 4 2.08 10.79 -14.53
N LEU A 5 1.43 11.00 -15.67
CA LEU A 5 0.05 11.48 -15.66
C LEU A 5 -0.87 10.45 -15.02
N TRP A 6 -0.73 9.18 -15.40
CA TRP A 6 -1.52 8.13 -14.79
C TRP A 6 -1.24 8.02 -13.29
N ASP A 7 0.03 8.11 -12.91
CA ASP A 7 0.39 8.07 -11.49
C ASP A 7 -0.31 9.18 -10.72
N LEU A 8 -0.22 10.42 -11.22
CA LEU A 8 -0.81 11.56 -10.54
C LEU A 8 -2.33 11.45 -10.49
N ALA A 9 -2.95 10.95 -11.57
CA ALA A 9 -4.40 10.83 -11.59
C ALA A 9 -4.87 9.81 -10.56
N SER A 10 -4.20 8.65 -10.50
CA SER A 10 -4.56 7.65 -9.50
C SER A 10 -4.37 8.18 -8.09
N PHE A 11 -3.26 8.91 -7.87
CA PHE A 11 -3.01 9.48 -6.55
C PHE A 11 -4.10 10.47 -6.16
N ILE A 12 -4.51 11.33 -7.10
CA ILE A 12 -5.54 12.32 -6.81
C ILE A 12 -6.88 11.65 -6.52
N VAL A 13 -7.22 10.60 -7.28
CA VAL A 13 -8.49 9.91 -7.04
C VAL A 13 -8.47 9.25 -5.67
N ALA A 14 -7.36 8.59 -5.32
CA ALA A 14 -7.23 7.96 -4.01
C ALA A 14 -7.40 8.98 -2.90
N LEU A 15 -6.65 10.09 -2.98
CA LEU A 15 -6.79 11.17 -2.02
C LEU A 15 -8.25 11.60 -1.89
N GLY A 16 -8.82 12.13 -2.97
CA GLY A 16 -10.22 12.53 -3.01
C GLY A 16 -11.17 11.58 -2.32
N VAL A 17 -11.05 10.27 -2.61
CA VAL A 17 -11.93 9.29 -1.98
C VAL A 17 -11.73 9.25 -0.47
N LEU A 18 -10.47 9.22 -0.02
CA LEU A 18 -10.21 9.09 1.41
C LEU A 18 -10.64 10.35 2.16
N ILE A 19 -10.29 11.52 1.63
CA ILE A 19 -10.73 12.79 2.21
C ILE A 19 -12.25 12.82 2.30
N THR A 20 -12.91 12.41 1.21
CA THR A 20 -14.37 12.43 1.19
C THR A 20 -14.94 11.53 2.27
N VAL A 21 -14.39 10.33 2.46
CA VAL A 21 -14.99 9.42 3.42
C VAL A 21 -14.75 9.89 4.85
N HIS A 22 -13.56 10.40 5.15
CA HIS A 22 -13.31 10.92 6.50
C HIS A 22 -14.23 12.09 6.81
N GLU A 23 -14.26 13.09 5.92
CA GLU A 23 -15.10 14.25 6.17
C GLU A 23 -16.58 13.88 6.13
N PHE A 24 -16.95 12.83 5.40
CA PHE A 24 -18.34 12.41 5.37
C PHE A 24 -18.74 11.75 6.68
N GLY A 25 -17.84 10.97 7.28
CA GLY A 25 -18.12 10.47 8.62
C GLY A 25 -18.32 11.61 9.60
N HIS A 26 -17.38 12.56 9.61
CA HIS A 26 -17.52 13.76 10.44
C HIS A 26 -18.89 14.41 10.23
N PHE A 27 -19.23 14.71 8.97
CA PHE A 27 -20.41 15.49 8.65
C PHE A 27 -21.70 14.73 8.97
N TRP A 28 -21.74 13.44 8.65
CA TRP A 28 -22.94 12.65 8.92
C TRP A 28 -23.20 12.54 10.42
N VAL A 29 -22.18 12.20 11.20
CA VAL A 29 -22.39 12.07 12.64
C VAL A 29 -22.74 13.43 13.25
N ALA A 30 -22.12 14.51 12.74
CA ALA A 30 -22.43 15.83 13.27
C ALA A 30 -23.86 16.23 12.98
N ARG A 31 -24.32 16.03 11.73
CA ARG A 31 -25.68 16.40 11.37
C ARG A 31 -26.70 15.55 12.11
N ARG A 32 -26.38 14.27 12.36
CA ARG A 32 -27.30 13.44 13.13
C ARG A 32 -27.34 13.86 14.60
N CYS A 33 -26.22 14.35 15.13
CA CYS A 33 -26.21 14.79 16.52
C CYS A 33 -27.01 16.07 16.74
N GLY A 34 -27.32 16.81 15.67
CA GLY A 34 -28.14 18.00 15.77
C GLY A 34 -27.44 19.31 15.47
N VAL A 35 -26.15 19.28 15.14
CA VAL A 35 -25.43 20.50 14.80
C VAL A 35 -25.62 20.78 13.32
N ARG A 36 -25.26 21.99 12.89
CA ARG A 36 -25.39 22.42 11.50
C ARG A 36 -24.01 22.50 10.87
N VAL A 37 -23.81 21.74 9.79
CA VAL A 37 -22.54 21.74 9.08
C VAL A 37 -22.55 22.84 8.03
N GLU A 38 -21.48 23.64 8.01
CA GLU A 38 -21.39 24.79 7.11
C GLU A 38 -20.58 24.46 5.86
N ARG A 39 -19.29 24.16 6.02
CA ARG A 39 -18.41 23.83 4.90
C ARG A 39 -17.97 22.39 4.98
N PHE A 40 -17.96 21.71 3.83
CA PHE A 40 -17.48 20.35 3.67
C PHE A 40 -16.26 20.43 2.75
N SER A 41 -15.14 20.90 3.29
CA SER A 41 -13.98 21.20 2.45
C SER A 41 -13.18 19.94 2.19
N ILE A 42 -13.10 19.55 0.91
CA ILE A 42 -12.29 18.42 0.49
C ILE A 42 -11.06 19.02 -0.18
N GLY A 43 -10.00 19.19 0.60
CA GLY A 43 -8.76 19.75 0.11
C GLY A 43 -8.46 21.11 0.72
N PHE A 44 -7.21 21.52 0.55
CA PHE A 44 -6.72 22.80 1.06
C PHE A 44 -6.46 23.76 -0.10
N GLY A 45 -6.19 25.01 0.25
CA GLY A 45 -5.87 26.02 -0.74
C GLY A 45 -7.11 26.70 -1.31
N LYS A 46 -6.91 27.32 -2.46
CA LYS A 46 -8.00 28.03 -3.13
C LYS A 46 -9.06 27.05 -3.61
N ALA A 47 -10.32 27.38 -3.34
CA ALA A 47 -11.42 26.52 -3.74
C ALA A 47 -11.62 26.53 -5.24
N LEU A 48 -12.23 25.46 -5.75
CA LEU A 48 -12.43 25.34 -7.19
C LEU A 48 -13.87 24.97 -7.51
N TRP A 49 -14.48 24.15 -6.65
CA TRP A 49 -15.86 23.68 -6.86
C TRP A 49 -16.67 23.97 -5.62
N ARG A 50 -17.45 25.05 -5.65
CA ARG A 50 -18.31 25.44 -4.54
C ARG A 50 -19.76 25.16 -4.90
N ARG A 51 -20.47 24.44 -4.03
CA ARG A 51 -21.90 24.24 -4.19
C ARG A 51 -22.58 24.40 -2.83
N THR A 52 -23.85 24.77 -2.86
CA THR A 52 -24.62 25.05 -1.64
C THR A 52 -25.82 24.13 -1.57
N ASP A 53 -26.02 23.51 -0.41
CA ASP A 53 -27.17 22.66 -0.16
C ASP A 53 -28.33 23.48 0.41
N LYS A 54 -29.52 22.89 0.42
CA LYS A 54 -30.70 23.58 0.93
C LYS A 54 -30.53 23.93 2.41
N LEU A 55 -29.88 23.07 3.19
CA LEU A 55 -29.69 23.29 4.61
C LEU A 55 -28.58 24.29 4.92
N GLY A 56 -27.97 24.89 3.90
CA GLY A 56 -26.88 25.83 4.12
C GLY A 56 -25.50 25.22 4.10
N THR A 57 -25.40 23.89 3.99
CA THR A 57 -24.09 23.25 3.94
C THR A 57 -23.43 23.49 2.59
N GLU A 58 -22.20 24.01 2.62
CA GLU A 58 -21.44 24.28 1.42
C GLU A 58 -20.41 23.18 1.20
N TYR A 59 -20.48 22.54 0.04
CA TYR A 59 -19.52 21.51 -0.36
C TYR A 59 -18.48 22.14 -1.27
N VAL A 60 -17.21 22.01 -0.89
CA VAL A 60 -16.11 22.74 -1.50
C VAL A 60 -15.01 21.76 -1.89
N ILE A 61 -14.66 21.73 -3.16
CA ILE A 61 -13.49 21.02 -3.66
C ILE A 61 -12.40 22.04 -3.92
N ALA A 62 -11.29 21.94 -3.18
CA ALA A 62 -10.15 22.83 -3.30
C ALA A 62 -9.09 22.17 -4.18
N LEU A 63 -7.88 22.74 -4.18
CA LEU A 63 -6.83 22.29 -5.08
C LEU A 63 -5.76 21.44 -4.40
N ILE A 64 -5.35 21.79 -3.18
CA ILE A 64 -4.37 20.98 -2.46
C ILE A 64 -5.07 19.75 -1.89
N PRO A 65 -4.80 18.56 -2.40
CA PRO A 65 -5.59 17.39 -1.99
C PRO A 65 -5.03 16.70 -0.76
N LEU A 66 -4.16 17.38 -0.02
CA LEU A 66 -3.49 16.78 1.13
C LEU A 66 -4.21 17.10 2.44
N GLY A 67 -5.51 16.93 2.48
CA GLY A 67 -6.27 17.12 3.69
C GLY A 67 -7.69 17.58 3.40
N GLY A 68 -8.36 18.03 4.44
CA GLY A 68 -9.73 18.48 4.36
C GLY A 68 -10.28 18.71 5.75
N TYR A 69 -11.50 19.26 5.79
CA TYR A 69 -12.12 19.54 7.07
C TYR A 69 -13.62 19.73 6.90
N VAL A 70 -14.30 19.85 8.04
CA VAL A 70 -15.73 20.10 8.12
C VAL A 70 -15.94 21.24 9.11
N LYS A 71 -16.39 22.38 8.60
CA LYS A 71 -16.61 23.56 9.43
C LYS A 71 -17.94 23.42 10.17
N MET A 72 -17.87 23.36 11.49
CA MET A 72 -19.06 23.24 12.32
C MET A 72 -19.60 24.61 12.69
N LEU A 73 -20.81 24.62 13.23
CA LEU A 73 -21.42 25.83 13.77
C LEU A 73 -21.05 25.93 15.24
N ASP A 74 -20.34 26.99 15.61
CA ASP A 74 -19.82 27.14 16.96
C ASP A 74 -19.88 28.60 17.38
N GLU A 75 -20.26 28.83 18.64
CA GLU A 75 -20.34 30.19 19.15
C GLU A 75 -18.95 30.79 19.36
N ARG A 76 -17.93 29.96 19.46
CA ARG A 76 -16.55 30.41 19.57
C ARG A 76 -15.94 30.83 18.23
N ALA A 77 -16.75 30.91 17.16
CA ALA A 77 -16.28 31.33 15.84
C ALA A 77 -17.17 32.34 15.14
N GLU A 78 -18.47 32.40 15.43
CA GLU A 78 -19.35 33.38 14.79
C GLU A 78 -20.52 33.67 15.72
N PRO A 79 -21.12 34.86 15.64
CA PRO A 79 -22.33 35.12 16.43
C PRO A 79 -23.50 34.31 15.88
N VAL A 80 -24.23 33.65 16.78
CA VAL A 80 -25.30 32.73 16.40
C VAL A 80 -26.64 33.31 16.81
N VAL A 81 -27.67 33.00 16.01
CA VAL A 81 -29.04 33.39 16.33
C VAL A 81 -29.48 32.68 17.60
N PRO A 82 -30.24 33.32 18.50
CA PRO A 82 -30.61 32.67 19.76
C PRO A 82 -31.35 31.35 19.59
N GLU A 83 -32.00 31.10 18.45
CA GLU A 83 -32.66 29.82 18.20
C GLU A 83 -31.69 28.76 17.71
N LEU A 84 -30.63 29.15 17.00
CA LEU A 84 -29.65 28.20 16.48
C LEU A 84 -28.59 27.84 17.51
N ARG A 85 -28.72 28.35 18.74
CA ARG A 85 -27.72 28.06 19.77
C ARG A 85 -27.61 26.57 20.05
N HIS A 86 -28.74 25.87 20.11
CA HIS A 86 -28.69 24.43 20.32
C HIS A 86 -28.37 23.65 19.06
N HIS A 87 -28.23 24.33 17.92
CA HIS A 87 -27.67 23.74 16.71
C HIS A 87 -26.18 23.97 16.58
N ALA A 88 -25.53 24.44 17.65
CA ALA A 88 -24.11 24.73 17.66
C ALA A 88 -23.32 23.55 18.24
N PHE A 89 -22.04 23.50 17.87
CA PHE A 89 -21.20 22.40 18.31
C PHE A 89 -20.82 22.53 19.78
N ASN A 90 -20.57 23.76 20.25
CA ASN A 90 -20.16 23.96 21.63
C ASN A 90 -21.28 23.71 22.63
N ASN A 91 -22.55 23.84 22.20
CA ASN A 91 -23.68 23.63 23.08
C ASN A 91 -24.16 22.18 23.09
N LYS A 92 -23.25 21.23 22.90
CA LYS A 92 -23.56 19.81 22.94
C LYS A 92 -22.83 19.17 24.12
N SER A 93 -23.18 17.92 24.40
CA SER A 93 -22.53 17.20 25.48
C SER A 93 -21.11 16.80 25.09
N VAL A 94 -20.32 16.42 26.10
CA VAL A 94 -18.97 15.95 25.83
C VAL A 94 -19.00 14.67 25.01
N GLY A 95 -19.95 13.78 25.31
CA GLY A 95 -20.03 12.53 24.56
C GLY A 95 -20.40 12.74 23.10
N GLN A 96 -21.35 13.64 22.84
CA GLN A 96 -21.76 13.90 21.47
C GLN A 96 -20.61 14.51 20.66
N ARG A 97 -19.92 15.50 21.23
CA ARG A 97 -18.80 16.10 20.53
C ARG A 97 -17.66 15.11 20.33
N ALA A 98 -17.42 14.25 21.33
CA ALA A 98 -16.39 13.22 21.18
C ALA A 98 -16.73 12.26 20.06
N ALA A 99 -18.01 11.86 19.95
CA ALA A 99 -18.42 10.98 18.86
C ALA A 99 -18.27 11.68 17.51
N ILE A 100 -18.67 12.95 17.44
CA ILE A 100 -18.54 13.70 16.20
C ILE A 100 -17.07 13.78 15.77
N ILE A 101 -16.17 13.98 16.74
CA ILE A 101 -14.75 14.08 16.41
C ILE A 101 -14.20 12.73 15.97
N ALA A 102 -14.52 11.67 16.71
CA ALA A 102 -14.00 10.35 16.40
C ALA A 102 -14.63 9.74 15.15
N ALA A 103 -15.72 10.32 14.64
CA ALA A 103 -16.39 9.77 13.46
C ALA A 103 -15.43 9.66 12.27
N GLY A 104 -14.53 10.62 12.12
CA GLY A 104 -13.63 10.67 10.98
C GLY A 104 -12.77 9.43 10.81
N PRO A 105 -11.91 9.16 11.80
CA PRO A 105 -11.12 7.91 11.75
C PRO A 105 -11.97 6.67 11.70
N VAL A 106 -13.10 6.66 12.43
CA VAL A 106 -14.03 5.54 12.33
C VAL A 106 -14.61 5.47 10.93
N ALA A 107 -14.83 6.60 10.27
CA ALA A 107 -15.29 6.58 8.89
C ALA A 107 -14.24 5.97 7.97
N ASN A 108 -12.96 6.27 8.20
CA ASN A 108 -11.90 5.65 7.40
C ASN A 108 -11.86 4.15 7.63
N PHE A 109 -12.02 3.71 8.88
CA PHE A 109 -12.03 2.29 9.17
C PHE A 109 -13.22 1.60 8.50
N ILE A 110 -14.39 2.23 8.55
CA ILE A 110 -15.57 1.68 7.88
C ILE A 110 -15.37 1.63 6.38
N PHE A 111 -14.67 2.62 5.81
CA PHE A 111 -14.37 2.58 4.39
C PHE A 111 -13.46 1.42 4.05
N ALA A 112 -12.48 1.14 4.92
CA ALA A 112 -11.63 -0.03 4.73
C ALA A 112 -12.46 -1.32 4.77
N ILE A 113 -13.39 -1.39 5.73
CA ILE A 113 -14.30 -2.54 5.80
C ILE A 113 -15.06 -2.70 4.49
N PHE A 114 -15.60 -1.59 3.97
CA PHE A 114 -16.40 -1.64 2.75
C PHE A 114 -15.55 -2.05 1.55
N ALA A 115 -14.31 -1.54 1.47
CA ALA A 115 -13.43 -1.90 0.37
C ALA A 115 -13.12 -3.38 0.40
N TYR A 116 -12.77 -3.91 1.57
CA TYR A 116 -12.47 -5.35 1.66
C TYR A 116 -13.71 -6.19 1.43
N TRP A 117 -14.88 -5.71 1.84
CA TRP A 117 -16.12 -6.44 1.56
C TRP A 117 -16.41 -6.50 0.07
N LEU A 118 -16.23 -5.37 -0.63
CA LEU A 118 -16.46 -5.37 -2.07
C LEU A 118 -15.44 -6.26 -2.78
N VAL A 119 -14.19 -6.26 -2.31
CA VAL A 119 -13.18 -7.13 -2.89
C VAL A 119 -13.56 -8.60 -2.68
N PHE A 120 -14.02 -8.94 -1.48
CA PHE A 120 -14.42 -10.32 -1.21
C PHE A 120 -15.65 -10.72 -2.02
N ILE A 121 -16.57 -9.78 -2.26
CA ILE A 121 -17.73 -10.09 -3.09
C ILE A 121 -17.30 -10.32 -4.54
N ILE A 122 -16.34 -9.52 -5.02
CA ILE A 122 -15.86 -9.73 -6.39
C ILE A 122 -14.76 -10.79 -6.45
N GLY A 123 -14.05 -11.04 -5.35
CA GLY A 123 -13.02 -12.05 -5.33
C GLY A 123 -11.63 -11.53 -5.62
N VAL A 124 -10.66 -11.91 -4.78
CA VAL A 124 -9.27 -11.49 -4.95
C VAL A 124 -8.43 -12.75 -5.11
N PRO A 125 -7.56 -12.83 -6.12
CA PRO A 125 -6.72 -14.03 -6.29
C PRO A 125 -5.62 -14.14 -5.24
N GLY A 126 -4.70 -15.08 -5.44
CA GLY A 126 -3.60 -15.28 -4.51
C GLY A 126 -2.86 -16.57 -4.75
N VAL A 127 -1.61 -16.64 -4.29
CA VAL A 127 -0.77 -17.82 -4.46
C VAL A 127 -0.46 -18.39 -3.09
N ARG A 128 -0.38 -19.72 -3.00
CA ARG A 128 -0.07 -20.36 -1.74
C ARG A 128 1.40 -20.12 -1.38
N PRO A 129 1.72 -19.95 -0.10
CA PRO A 129 3.12 -19.73 0.28
C PRO A 129 3.96 -21.00 0.15
N VAL A 130 4.33 -21.35 -1.08
CA VAL A 130 5.12 -22.53 -1.36
C VAL A 130 6.50 -22.07 -1.83
N VAL A 131 7.53 -22.57 -1.16
CA VAL A 131 8.91 -22.20 -1.48
C VAL A 131 9.36 -22.97 -2.72
N GLY A 132 10.00 -22.27 -3.65
CA GLY A 132 10.56 -22.93 -4.82
C GLY A 132 12.05 -23.10 -4.72
N GLU A 133 12.75 -22.03 -4.33
CA GLU A 133 14.20 -22.04 -4.21
C GLU A 133 14.61 -21.47 -2.85
N ILE A 134 15.75 -21.96 -2.35
CA ILE A 134 16.28 -21.52 -1.06
C ILE A 134 17.73 -21.12 -1.27
N ALA A 135 18.06 -19.87 -0.93
CA ALA A 135 19.43 -19.40 -1.01
C ALA A 135 20.23 -19.94 0.17
N ALA A 136 21.38 -20.53 -0.11
CA ALA A 136 22.20 -21.11 0.93
C ALA A 136 22.79 -20.02 1.83
N ASN A 137 23.09 -20.42 3.07
CA ASN A 137 23.65 -19.51 4.07
C ASN A 137 22.77 -18.28 4.29
N SER A 138 21.46 -18.51 4.37
CA SER A 138 20.49 -17.46 4.60
C SER A 138 19.77 -17.70 5.93
N ILE A 139 18.71 -16.93 6.16
CA ILE A 139 17.95 -17.09 7.40
C ILE A 139 17.17 -18.40 7.38
N ALA A 140 16.53 -18.71 6.25
CA ALA A 140 15.72 -19.92 6.15
C ALA A 140 16.55 -21.15 5.83
N ALA A 141 17.69 -20.98 5.18
CA ALA A 141 18.53 -22.14 4.86
C ALA A 141 19.07 -22.79 6.12
N GLU A 142 19.39 -21.99 7.13
CA GLU A 142 19.91 -22.50 8.39
C GLU A 142 18.82 -23.05 9.32
N ALA A 143 17.57 -23.05 8.90
CA ALA A 143 16.45 -23.50 9.73
C ALA A 143 15.82 -24.78 9.21
N GLN A 144 16.55 -25.58 8.45
CA GLN A 144 16.06 -26.87 7.94
C GLN A 144 14.80 -26.70 7.11
N ILE A 145 14.78 -25.67 6.27
CA ILE A 145 13.65 -25.41 5.37
C ILE A 145 14.08 -25.78 3.96
N ALA A 146 13.39 -26.77 3.38
CA ALA A 146 13.68 -27.29 2.05
C ALA A 146 12.69 -26.76 1.04
N PRO A 147 13.08 -26.71 -0.24
CA PRO A 147 12.13 -26.28 -1.28
C PRO A 147 10.92 -27.20 -1.35
N GLY A 148 9.82 -26.66 -1.83
CA GLY A 148 8.57 -27.39 -1.88
C GLY A 148 7.81 -27.42 -0.57
N THR A 149 8.07 -26.47 0.32
CA THR A 149 7.43 -26.41 1.61
C THR A 149 6.36 -25.33 1.61
N GLU A 150 5.17 -25.66 2.11
CA GLU A 150 4.06 -24.73 2.17
C GLU A 150 4.01 -24.13 3.57
N LEU A 151 4.18 -22.81 3.65
CA LEU A 151 4.05 -22.12 4.92
C LEU A 151 2.58 -22.14 5.37
N LYS A 152 2.36 -22.55 6.62
CA LYS A 152 0.99 -22.66 7.13
C LYS A 152 0.64 -21.54 8.10
N ALA A 153 1.58 -21.08 8.92
CA ALA A 153 1.29 -20.05 9.91
C ALA A 153 2.58 -19.37 10.34
N VAL A 154 2.44 -18.14 10.80
CA VAL A 154 3.55 -17.36 11.35
C VAL A 154 3.14 -16.94 12.76
N ASP A 155 3.83 -17.50 13.76
CA ASP A 155 3.51 -17.28 15.17
C ASP A 155 2.07 -17.63 15.50
N GLY A 156 1.53 -18.64 14.82
CA GLY A 156 0.17 -19.10 15.05
C GLY A 156 -0.87 -18.45 14.16
N ILE A 157 -0.60 -17.25 13.63
CA ILE A 157 -1.56 -16.57 12.77
C ILE A 157 -1.60 -17.25 11.41
N GLU A 158 -2.81 -17.46 10.90
CA GLU A 158 -2.97 -18.14 9.61
C GLU A 158 -2.37 -17.31 8.50
N THR A 159 -1.68 -17.98 7.57
CA THR A 159 -1.05 -17.34 6.42
C THR A 159 -1.41 -18.15 5.18
N PRO A 160 -2.56 -17.87 4.57
CA PRO A 160 -2.99 -18.64 3.40
C PRO A 160 -2.29 -18.26 2.10
N ASP A 161 -1.61 -17.12 2.05
CA ASP A 161 -0.94 -16.67 0.84
C ASP A 161 0.37 -15.98 1.20
N TRP A 162 1.15 -15.65 0.18
CA TRP A 162 2.42 -14.95 0.40
C TRP A 162 2.21 -13.55 0.96
N ASP A 163 1.08 -12.92 0.64
CA ASP A 163 0.81 -11.58 1.15
C ASP A 163 0.70 -11.58 2.67
N ALA A 164 -0.07 -12.53 3.23
CA ALA A 164 -0.15 -12.64 4.67
C ALA A 164 1.19 -13.03 5.28
N VAL A 165 1.99 -13.82 4.56
CA VAL A 165 3.31 -14.19 5.04
C VAL A 165 4.19 -12.96 5.20
N ARG A 166 4.25 -12.12 4.16
CA ARG A 166 5.02 -10.88 4.25
C ARG A 166 4.45 -9.95 5.32
N LEU A 167 3.12 -9.91 5.43
CA LEU A 167 2.47 -9.05 6.40
C LEU A 167 2.83 -9.43 7.82
N GLN A 168 2.98 -10.74 8.08
CA GLN A 168 3.40 -11.19 9.40
C GLN A 168 4.91 -11.07 9.58
N LEU A 169 5.68 -11.20 8.51
CA LEU A 169 7.13 -11.06 8.62
C LEU A 169 7.53 -9.63 8.96
N VAL A 170 6.89 -8.65 8.34
CA VAL A 170 7.20 -7.26 8.64
C VAL A 170 6.89 -6.95 10.10
N ASP A 171 5.89 -7.63 10.69
CA ASP A 171 5.53 -7.43 12.08
C ASP A 171 6.56 -7.99 13.05
N LYS A 172 7.64 -8.60 12.55
CA LYS A 172 8.67 -9.19 13.41
C LYS A 172 9.98 -8.42 13.36
N ILE A 173 9.94 -7.14 12.95
CA ILE A 173 11.15 -6.33 12.94
C ILE A 173 11.53 -5.99 14.37
N GLY A 174 12.82 -6.13 14.67
CA GLY A 174 13.31 -5.91 16.01
C GLY A 174 13.36 -7.15 16.88
N ASP A 175 12.70 -8.22 16.47
CA ASP A 175 12.76 -9.48 17.20
C ASP A 175 14.01 -10.26 16.82
N GLU A 176 14.47 -11.09 17.76
CA GLU A 176 15.68 -11.87 17.57
C GLU A 176 15.42 -13.23 16.93
N SER A 177 14.16 -13.69 16.93
CA SER A 177 13.81 -14.97 16.35
C SER A 177 12.31 -15.01 16.12
N THR A 178 11.90 -15.90 15.23
CA THR A 178 10.48 -16.08 14.94
C THR A 178 10.19 -17.56 14.77
N THR A 179 8.91 -17.91 14.88
CA THR A 179 8.45 -19.30 14.76
C THR A 179 7.49 -19.40 13.59
N ILE A 180 7.74 -20.36 12.71
CA ILE A 180 6.94 -20.57 11.50
C ILE A 180 6.42 -22.00 11.51
N THR A 181 5.11 -22.15 11.41
CA THR A 181 4.49 -23.46 11.26
C THR A 181 4.40 -23.77 9.77
N VAL A 182 5.12 -24.79 9.32
CA VAL A 182 5.22 -25.15 7.92
C VAL A 182 4.72 -26.58 7.74
N ALA A 183 4.62 -26.99 6.48
CA ALA A 183 4.22 -28.35 6.10
C ALA A 183 4.56 -28.58 4.64
N PRO A 184 4.93 -29.81 4.26
CA PRO A 184 5.16 -30.09 2.84
C PRO A 184 3.85 -29.96 2.05
N PHE A 185 3.98 -29.47 0.81
CA PHE A 185 2.81 -29.22 -0.02
C PHE A 185 2.04 -30.50 -0.31
N GLY A 186 0.88 -30.65 0.30
CA GLY A 186 0.07 -31.84 0.13
C GLY A 186 -0.18 -32.57 1.43
N SER A 187 0.84 -32.72 2.25
CA SER A 187 0.73 -33.39 3.54
C SER A 187 0.42 -32.36 4.63
N ASP A 188 -0.65 -32.61 5.38
CA ASP A 188 -1.06 -31.73 6.47
C ASP A 188 -0.37 -32.07 7.79
N GLN A 189 0.88 -32.54 7.74
CA GLN A 189 1.65 -32.83 8.95
C GLN A 189 2.46 -31.59 9.29
N ARG A 190 1.94 -30.77 10.20
CA ARG A 190 2.55 -29.49 10.52
C ARG A 190 3.83 -29.69 11.34
N ARG A 191 4.71 -28.69 11.25
CA ARG A 191 5.99 -28.72 11.93
C ARG A 191 6.43 -27.29 12.22
N ASP A 192 6.85 -27.04 13.45
CA ASP A 192 7.25 -25.70 13.88
C ASP A 192 8.76 -25.56 13.75
N VAL A 193 9.19 -24.65 12.86
CA VAL A 193 10.59 -24.31 12.72
C VAL A 193 10.81 -22.92 13.30
N LYS A 194 12.07 -22.60 13.56
CA LYS A 194 12.43 -21.32 14.19
C LYS A 194 13.48 -20.63 13.35
N LEU A 195 13.17 -19.44 12.87
CA LEU A 195 14.09 -18.63 12.09
C LEU A 195 14.85 -17.69 13.02
N ASP A 196 16.18 -17.66 12.86
CA ASP A 196 17.05 -16.81 13.65
C ASP A 196 17.11 -15.43 13.00
N LEU A 197 16.74 -14.39 13.75
CA LEU A 197 16.65 -13.03 13.23
C LEU A 197 17.55 -12.07 13.99
N ARG A 198 18.62 -12.58 14.60
CA ARG A 198 19.50 -11.71 15.38
C ARG A 198 20.28 -10.76 14.48
N HIS A 199 20.92 -11.31 13.44
CA HIS A 199 21.65 -10.50 12.47
C HIS A 199 20.79 -10.11 11.28
N TRP A 200 19.47 -10.20 11.39
CA TRP A 200 18.59 -9.89 10.28
C TRP A 200 18.57 -8.39 10.04
N ALA A 201 18.80 -7.99 8.79
CA ALA A 201 18.81 -6.58 8.44
C ALA A 201 18.24 -6.44 7.03
N PHE A 202 17.16 -5.68 6.90
CA PHE A 202 16.55 -5.44 5.60
C PHE A 202 15.70 -4.18 5.68
N GLU A 203 15.67 -3.45 4.57
CA GLU A 203 14.84 -2.25 4.47
C GLU A 203 13.48 -2.62 3.92
N PRO A 204 12.39 -2.44 4.68
CA PRO A 204 11.06 -2.80 4.16
C PRO A 204 10.65 -2.00 2.95
N ASP A 205 11.23 -0.83 2.73
CA ASP A 205 10.90 -0.03 1.56
C ASP A 205 11.58 -0.54 0.30
N LYS A 206 12.74 -1.19 0.44
CA LYS A 206 13.54 -1.59 -0.71
C LYS A 206 13.66 -3.10 -0.88
N GLU A 207 13.49 -3.89 0.17
CA GLU A 207 13.73 -5.32 0.13
C GLU A 207 12.47 -6.10 0.43
N ASP A 208 12.25 -7.16 -0.33
CA ASP A 208 11.15 -8.08 -0.06
C ASP A 208 11.52 -8.96 1.13
N PRO A 209 10.73 -8.96 2.21
CA PRO A 209 11.10 -9.76 3.38
C PRO A 209 11.23 -11.24 3.09
N VAL A 210 10.53 -11.76 2.07
CA VAL A 210 10.68 -13.16 1.70
C VAL A 210 12.07 -13.42 1.16
N SER A 211 12.53 -12.57 0.23
CA SER A 211 13.87 -12.73 -0.32
C SER A 211 14.94 -12.42 0.74
N SER A 212 14.61 -11.59 1.72
CA SER A 212 15.56 -11.30 2.79
C SER A 212 15.87 -12.54 3.61
N LEU A 213 14.93 -13.49 3.68
CA LEU A 213 15.15 -14.78 4.33
C LEU A 213 15.80 -15.79 3.41
N GLY A 214 16.24 -15.38 2.23
CA GLY A 214 16.80 -16.31 1.27
C GLY A 214 15.79 -17.23 0.63
N ILE A 215 14.53 -16.84 0.60
CA ILE A 215 13.44 -17.65 0.08
C ILE A 215 12.98 -17.06 -1.24
N ARG A 216 12.87 -17.91 -2.26
CA ARG A 216 12.20 -17.55 -3.49
C ARG A 216 10.88 -18.29 -3.59
N PRO A 217 9.79 -17.60 -3.87
CA PRO A 217 8.50 -18.29 -4.03
C PRO A 217 8.41 -18.96 -5.39
N ARG A 218 7.62 -20.02 -5.45
CA ARG A 218 7.35 -20.70 -6.70
C ARG A 218 6.30 -19.90 -7.48
N GLY A 219 6.70 -19.37 -8.63
CA GLY A 219 5.81 -18.56 -9.43
C GLY A 219 5.82 -18.97 -10.89
N PRO A 220 5.18 -18.17 -11.73
CA PRO A 220 5.15 -18.48 -13.17
C PRO A 220 6.56 -18.44 -13.75
N GLN A 221 6.95 -19.52 -14.41
CA GLN A 221 8.30 -19.68 -14.91
C GLN A 221 8.46 -19.01 -16.27
N ILE A 222 9.49 -18.19 -16.41
CA ILE A 222 9.81 -17.56 -17.68
C ILE A 222 10.64 -18.53 -18.51
N GLU A 223 10.28 -18.70 -19.78
CA GLU A 223 11.00 -19.61 -20.64
C GLU A 223 11.57 -18.85 -21.84
N PRO A 224 12.81 -19.13 -22.25
CA PRO A 224 13.39 -18.40 -23.38
C PRO A 224 12.65 -18.64 -24.69
N VAL A 225 11.40 -18.21 -24.76
CA VAL A 225 10.58 -18.30 -25.96
C VAL A 225 9.92 -16.95 -26.17
N LEU A 226 10.00 -16.44 -27.40
CA LEU A 226 9.46 -15.11 -27.71
C LEU A 226 7.95 -15.21 -27.91
N GLU A 227 7.19 -14.49 -27.09
CA GLU A 227 5.75 -14.46 -27.25
C GLU A 227 5.35 -13.60 -28.45
N ASN A 228 5.74 -12.34 -28.45
CA ASN A 228 5.52 -11.44 -29.58
C ASN A 228 6.66 -10.43 -29.64
N VAL A 229 6.93 -9.95 -30.85
CA VAL A 229 7.98 -8.97 -31.09
C VAL A 229 7.32 -7.67 -31.53
N GLN A 230 7.62 -6.58 -30.82
CA GLN A 230 7.05 -5.29 -31.15
C GLN A 230 7.59 -4.79 -32.49
N PRO A 231 6.76 -4.09 -33.27
CA PRO A 231 7.23 -3.59 -34.56
C PRO A 231 8.23 -2.45 -34.39
N ASN A 232 9.16 -2.36 -35.35
CA ASN A 232 10.19 -1.32 -35.36
C ASN A 232 11.03 -1.33 -34.09
N SER A 233 11.35 -2.53 -33.62
CA SER A 233 12.16 -2.72 -32.42
C SER A 233 13.50 -3.37 -32.79
N ALA A 234 14.34 -3.54 -31.78
CA ALA A 234 15.67 -4.13 -32.02
C ALA A 234 15.55 -5.60 -32.41
N ALA A 235 14.66 -6.34 -31.76
CA ALA A 235 14.45 -7.74 -32.12
C ALA A 235 13.76 -7.88 -33.47
N SER A 236 12.87 -6.95 -33.81
CA SER A 236 12.25 -6.96 -35.13
C SER A 236 13.28 -6.72 -36.22
N LYS A 237 14.19 -5.77 -36.00
CA LYS A 237 15.28 -5.55 -36.95
C LYS A 237 16.30 -6.67 -36.92
N ALA A 238 16.33 -7.48 -35.86
CA ALA A 238 17.24 -8.61 -35.77
C ALA A 238 16.69 -9.86 -36.45
N GLY A 239 15.46 -9.81 -36.96
CA GLY A 239 14.86 -10.95 -37.62
C GLY A 239 14.11 -11.90 -36.72
N LEU A 240 13.97 -11.58 -35.43
CA LEU A 240 13.29 -12.45 -34.49
C LEU A 240 11.78 -12.37 -34.70
N GLN A 241 11.13 -13.52 -34.72
CA GLN A 241 9.68 -13.61 -34.86
C GLN A 241 9.08 -14.25 -33.62
N ALA A 242 7.75 -14.23 -33.55
CA ALA A 242 7.05 -14.82 -32.42
C ALA A 242 7.18 -16.34 -32.44
N GLY A 243 7.50 -16.91 -31.28
CA GLY A 243 7.66 -18.34 -31.15
C GLY A 243 9.09 -18.84 -31.22
N ASP A 244 10.07 -17.96 -31.41
CA ASP A 244 11.46 -18.38 -31.47
C ASP A 244 11.98 -18.70 -30.07
N ARG A 245 13.01 -19.54 -30.03
CA ARG A 245 13.62 -19.99 -28.77
C ARG A 245 15.09 -19.59 -28.75
N ILE A 246 15.45 -18.73 -27.80
CA ILE A 246 16.85 -18.32 -27.67
C ILE A 246 17.62 -19.46 -27.02
N VAL A 247 18.61 -19.99 -27.72
CA VAL A 247 19.33 -21.15 -27.23
C VAL A 247 20.69 -20.74 -26.69
N LYS A 248 21.48 -20.07 -27.53
CA LYS A 248 22.82 -19.63 -27.16
C LYS A 248 22.95 -18.13 -27.33
N VAL A 249 23.56 -17.47 -26.35
CA VAL A 249 23.84 -16.04 -26.38
C VAL A 249 25.33 -15.85 -26.13
N ASP A 250 26.05 -15.45 -27.18
CA ASP A 250 27.49 -15.19 -27.12
C ASP A 250 28.27 -16.42 -26.65
N GLY A 251 28.07 -17.52 -27.39
CA GLY A 251 28.85 -18.71 -27.16
C GLY A 251 28.34 -19.63 -26.07
N GLN A 252 27.69 -19.07 -25.05
CA GLN A 252 27.25 -19.93 -23.95
C GLN A 252 25.74 -20.15 -24.01
N PRO A 253 25.26 -21.35 -23.67
CA PRO A 253 23.83 -21.61 -23.71
C PRO A 253 23.07 -20.75 -22.70
N LEU A 254 21.83 -20.43 -23.04
CA LEU A 254 20.98 -19.59 -22.21
C LEU A 254 20.25 -20.49 -21.21
N THR A 255 20.56 -20.32 -19.92
CA THR A 255 19.95 -21.10 -18.85
C THR A 255 18.84 -20.35 -18.13
N GLN A 256 19.01 -19.05 -17.91
CA GLN A 256 18.01 -18.24 -17.23
C GLN A 256 17.67 -17.02 -18.09
N TRP A 257 16.48 -16.47 -17.84
CA TRP A 257 16.04 -15.29 -18.56
C TRP A 257 16.69 -14.02 -18.00
N VAL A 258 17.03 -14.02 -16.70
CA VAL A 258 17.71 -12.87 -16.12
C VAL A 258 19.07 -12.66 -16.77
N THR A 259 19.69 -13.75 -17.27
CA THR A 259 20.93 -13.61 -18.03
C THR A 259 20.73 -12.74 -19.26
N PHE A 260 19.71 -13.06 -20.05
CA PHE A 260 19.42 -12.27 -21.25
C PHE A 260 19.01 -10.85 -20.88
N VAL A 261 18.27 -10.70 -19.77
CA VAL A 261 17.87 -9.36 -19.33
C VAL A 261 19.10 -8.50 -19.03
N MET A 262 20.02 -9.05 -18.24
CA MET A 262 21.22 -8.30 -17.89
C MET A 262 22.11 -8.06 -19.10
N LEU A 263 22.16 -9.00 -20.04
CA LEU A 263 22.97 -8.80 -21.23
C LEU A 263 22.39 -7.72 -22.13
N VAL A 264 21.06 -7.61 -22.19
CA VAL A 264 20.44 -6.56 -22.98
C VAL A 264 20.59 -5.21 -22.27
N ARG A 265 20.52 -5.20 -20.93
CA ARG A 265 20.53 -3.95 -20.20
C ARG A 265 21.93 -3.37 -20.04
N ASP A 266 22.94 -4.22 -19.89
CA ASP A 266 24.30 -3.76 -19.66
C ASP A 266 25.12 -3.64 -20.93
N ASN A 267 24.58 -4.03 -22.08
CA ASN A 267 25.31 -4.02 -23.35
C ASN A 267 24.46 -3.36 -24.43
N PRO A 268 24.25 -2.05 -24.35
CA PRO A 268 23.50 -1.35 -25.40
C PRO A 268 24.40 -0.99 -26.57
N GLY A 269 23.89 -1.22 -27.77
CA GLY A 269 24.63 -0.84 -28.97
C GLY A 269 25.52 -1.93 -29.47
N LYS A 270 26.15 -2.68 -28.57
CA LYS A 270 27.04 -3.76 -28.96
C LYS A 270 26.24 -5.00 -29.36
N SER A 271 26.69 -5.66 -30.42
CA SER A 271 25.95 -6.79 -30.97
C SER A 271 25.95 -7.98 -30.02
N LEU A 272 24.93 -8.82 -30.16
CA LEU A 272 24.80 -10.07 -29.43
C LEU A 272 24.52 -11.17 -30.43
N ALA A 273 25.35 -12.20 -30.44
CA ALA A 273 25.20 -13.33 -31.35
C ALA A 273 24.22 -14.33 -30.74
N LEU A 274 23.03 -14.44 -31.33
CA LEU A 274 21.99 -15.33 -30.83
C LEU A 274 21.89 -16.53 -31.75
N GLU A 275 22.15 -17.72 -31.21
CA GLU A 275 21.87 -18.97 -31.91
C GLU A 275 20.52 -19.47 -31.40
N ILE A 276 19.52 -19.45 -32.29
CA ILE A 276 18.15 -19.76 -31.94
C ILE A 276 17.68 -20.96 -32.75
N GLU A 277 16.47 -21.43 -32.44
CA GLU A 277 15.83 -22.51 -33.17
C GLU A 277 14.44 -22.07 -33.59
N ARG A 278 14.14 -22.23 -34.88
CA ARG A 278 12.86 -21.85 -35.46
C ARG A 278 12.30 -23.03 -36.23
N GLN A 279 11.15 -23.55 -35.77
CA GLN A 279 10.51 -24.72 -36.37
C GLN A 279 11.48 -25.89 -36.46
N GLY A 280 12.28 -26.09 -35.41
CA GLY A 280 13.24 -27.16 -35.39
C GLY A 280 14.48 -26.94 -36.21
N SER A 281 14.66 -25.76 -36.80
CA SER A 281 15.83 -25.48 -37.60
C SER A 281 16.73 -24.48 -36.89
N PRO A 282 18.02 -24.77 -36.73
CA PRO A 282 18.91 -23.81 -36.07
C PRO A 282 19.25 -22.64 -36.97
N LEU A 283 19.35 -21.45 -36.36
CA LEU A 283 19.65 -20.23 -37.09
C LEU A 283 20.54 -19.34 -36.23
N SER A 284 21.26 -18.45 -36.90
CA SER A 284 22.12 -17.47 -36.25
C SER A 284 21.62 -16.07 -36.56
N LEU A 285 21.65 -15.19 -35.56
CA LEU A 285 21.18 -13.82 -35.72
C LEU A 285 22.06 -12.88 -34.90
N THR A 286 21.99 -11.61 -35.24
CA THR A 286 22.75 -10.55 -34.60
C THR A 286 21.78 -9.52 -34.03
N LEU A 287 21.59 -9.53 -32.72
CA LEU A 287 20.69 -8.61 -32.05
C LEU A 287 21.48 -7.42 -31.55
N ILE A 288 21.11 -6.23 -32.00
CA ILE A 288 21.75 -4.98 -31.59
C ILE A 288 20.76 -4.23 -30.71
N PRO A 289 20.95 -4.23 -29.38
CA PRO A 289 20.00 -3.54 -28.50
C PRO A 289 20.04 -2.04 -28.69
N GLU A 290 18.87 -1.42 -28.52
CA GLU A 290 18.76 0.03 -28.61
C GLU A 290 19.23 0.66 -27.29
N SER A 291 18.92 1.94 -27.10
CA SER A 291 19.32 2.64 -25.89
C SER A 291 18.22 3.66 -25.55
N LYS A 292 17.21 3.18 -24.83
CA LYS A 292 16.11 4.02 -24.38
C LYS A 292 16.44 4.61 -23.01
N PRO A 293 15.78 5.72 -22.64
CA PRO A 293 16.11 6.37 -21.36
C PRO A 293 15.94 5.42 -20.18
N GLY A 294 16.97 5.38 -19.33
CA GLY A 294 16.95 4.55 -18.16
C GLY A 294 17.15 5.33 -16.88
N ASN A 295 17.49 4.65 -15.78
CA ASN A 295 17.71 5.26 -14.49
C ASN A 295 19.10 4.92 -14.01
N GLY A 296 19.95 5.94 -13.88
CA GLY A 296 21.33 5.74 -13.45
C GLY A 296 22.31 5.74 -14.61
N LYS A 297 21.95 5.08 -15.70
CA LYS A 297 22.78 5.04 -16.89
C LYS A 297 21.86 4.82 -18.09
N ALA A 298 22.43 4.32 -19.19
CA ALA A 298 21.68 4.06 -20.41
C ALA A 298 21.39 2.57 -20.50
N ILE A 299 20.12 2.20 -20.41
CA ILE A 299 19.69 0.81 -20.50
C ILE A 299 19.41 0.47 -21.95
N GLY A 300 19.35 -0.83 -22.24
CA GLY A 300 19.10 -1.32 -23.59
C GLY A 300 17.75 -2.01 -23.68
N PHE A 301 17.05 -1.77 -24.79
CA PHE A 301 15.77 -2.40 -25.06
C PHE A 301 15.86 -3.20 -26.37
N VAL A 302 15.10 -4.29 -26.43
CA VAL A 302 15.00 -5.09 -27.64
C VAL A 302 13.56 -5.33 -28.08
N GLY A 303 12.56 -5.11 -27.24
CA GLY A 303 11.18 -5.33 -27.63
C GLY A 303 10.75 -6.78 -27.61
N ILE A 304 11.19 -7.54 -26.61
CA ILE A 304 10.89 -8.97 -26.50
C ILE A 304 10.12 -9.19 -25.21
N GLU A 305 8.93 -9.78 -25.32
CA GLU A 305 8.21 -10.26 -24.15
C GLU A 305 8.32 -11.78 -24.10
N PRO A 306 8.96 -12.34 -23.09
CA PRO A 306 9.15 -13.80 -23.05
C PRO A 306 7.85 -14.52 -22.75
N LYS A 307 7.87 -15.83 -23.00
CA LYS A 307 6.72 -16.68 -22.76
C LYS A 307 6.78 -17.20 -21.32
N VAL A 308 5.76 -16.87 -20.53
CA VAL A 308 5.68 -17.32 -19.15
C VAL A 308 4.66 -18.44 -19.06
N ILE A 309 4.99 -19.47 -18.28
CA ILE A 309 4.07 -20.55 -17.97
C ILE A 309 3.57 -20.35 -16.54
N PRO A 310 2.27 -20.15 -16.33
CA PRO A 310 1.78 -19.96 -14.96
C PRO A 310 1.84 -21.27 -14.18
N LEU A 311 2.15 -21.15 -12.90
CA LEU A 311 2.20 -22.31 -12.03
C LEU A 311 0.82 -22.95 -11.96
N PRO A 312 0.75 -24.27 -11.73
CA PRO A 312 -0.55 -24.95 -11.72
C PRO A 312 -1.48 -24.37 -10.68
N ASP A 313 -2.79 -24.51 -10.93
CA ASP A 313 -3.79 -23.94 -10.05
C ASP A 313 -3.81 -24.60 -8.67
N GLU A 314 -3.00 -25.65 -8.46
CA GLU A 314 -2.88 -26.22 -7.13
C GLU A 314 -2.32 -25.20 -6.14
N TYR A 315 -1.54 -24.24 -6.62
CA TYR A 315 -1.00 -23.16 -5.80
C TYR A 315 -1.80 -21.87 -5.98
N LYS A 316 -3.12 -21.97 -6.11
CA LYS A 316 -3.98 -20.82 -6.33
C LYS A 316 -5.12 -20.85 -5.32
N VAL A 317 -5.46 -19.67 -4.80
CA VAL A 317 -6.54 -19.52 -3.83
C VAL A 317 -7.50 -18.44 -4.32
N VAL A 318 -8.79 -18.71 -4.21
CA VAL A 318 -9.85 -17.75 -4.52
C VAL A 318 -10.47 -17.32 -3.20
N ARG A 319 -10.42 -16.03 -2.91
CA ARG A 319 -10.84 -15.49 -1.62
C ARG A 319 -12.15 -14.72 -1.72
N GLN A 320 -13.14 -15.30 -2.42
CA GLN A 320 -14.46 -14.70 -2.52
C GLN A 320 -15.42 -15.43 -1.59
N TYR A 321 -16.24 -14.66 -0.87
CA TYR A 321 -17.23 -15.21 0.05
C TYR A 321 -18.62 -14.70 -0.33
N GLY A 322 -19.59 -14.99 0.54
CA GLY A 322 -20.92 -14.43 0.41
C GLY A 322 -21.02 -13.13 1.16
N PRO A 323 -22.15 -12.41 0.99
CA PRO A 323 -22.28 -11.07 1.58
C PRO A 323 -21.99 -11.00 3.07
N PHE A 324 -22.70 -11.81 3.86
CA PHE A 324 -22.51 -11.80 5.31
C PHE A 324 -21.11 -12.27 5.69
N ASN A 325 -20.65 -13.36 5.07
CA ASN A 325 -19.31 -13.85 5.33
C ASN A 325 -18.27 -12.82 4.91
N ALA A 326 -18.52 -12.11 3.80
CA ALA A 326 -17.58 -11.07 3.37
C ALA A 326 -17.54 -9.92 4.37
N ILE A 327 -18.69 -9.55 4.93
CA ILE A 327 -18.72 -8.54 5.99
C ILE A 327 -17.84 -8.96 7.16
N VAL A 328 -18.03 -10.20 7.62
CA VAL A 328 -17.28 -10.70 8.77
C VAL A 328 -15.78 -10.69 8.48
N GLU A 329 -15.39 -11.24 7.33
CA GLU A 329 -13.97 -11.36 7.01
C GLU A 329 -13.34 -10.01 6.75
N ALA A 330 -14.08 -9.06 6.17
CA ALA A 330 -13.54 -7.72 5.96
C ALA A 330 -13.33 -7.01 7.29
N THR A 331 -14.26 -7.16 8.23
CA THR A 331 -14.05 -6.60 9.56
C THR A 331 -12.80 -7.20 10.21
N ASP A 332 -12.63 -8.52 10.11
CA ASP A 332 -11.45 -9.15 10.70
C ASP A 332 -10.17 -8.61 10.05
N LYS A 333 -10.16 -8.49 8.73
CA LYS A 333 -8.97 -8.05 8.02
C LYS A 333 -8.62 -6.61 8.38
N THR A 334 -9.62 -5.73 8.46
CA THR A 334 -9.31 -4.33 8.80
C THR A 334 -8.89 -4.20 10.26
N TRP A 335 -9.43 -5.03 11.15
CA TRP A 335 -8.95 -5.01 12.54
C TRP A 335 -7.50 -5.47 12.62
N GLN A 336 -7.16 -6.51 11.85
CA GLN A 336 -5.77 -6.94 11.75
C GLN A 336 -4.88 -5.80 11.27
N LEU A 337 -5.31 -5.09 10.22
CA LEU A 337 -4.52 -3.99 9.69
C LEU A 337 -4.34 -2.87 10.71
N MET A 338 -5.39 -2.58 11.49
CA MET A 338 -5.29 -1.56 12.53
C MET A 338 -4.25 -1.96 13.57
N LYS A 339 -4.33 -3.20 14.06
CA LYS A 339 -3.36 -3.66 15.06
C LYS A 339 -1.94 -3.64 14.50
N LEU A 340 -1.78 -3.99 13.22
CA LEU A 340 -0.46 -3.99 12.62
C LEU A 340 0.09 -2.59 12.45
N THR A 341 -0.77 -1.62 12.14
CA THR A 341 -0.31 -0.24 12.04
C THR A 341 0.08 0.29 13.43
N VAL A 342 -0.67 -0.09 14.46
CA VAL A 342 -0.28 0.26 15.83
C VAL A 342 1.12 -0.28 16.14
N SER A 343 1.33 -1.58 15.87
CA SER A 343 2.63 -2.19 16.15
C SER A 343 3.74 -1.58 15.31
N MET A 344 3.43 -1.17 14.07
CA MET A 344 4.45 -0.57 13.22
C MET A 344 4.85 0.82 13.72
N LEU A 345 3.87 1.61 14.16
CA LEU A 345 4.20 2.90 14.76
C LEU A 345 5.01 2.70 16.04
N GLY A 346 4.66 1.68 16.83
CA GLY A 346 5.45 1.37 18.01
C GLY A 346 6.89 1.00 17.67
N LYS A 347 7.07 0.21 16.60
CA LYS A 347 8.42 -0.14 16.16
C LYS A 347 9.19 1.10 15.69
N LEU A 348 8.52 1.97 14.93
CA LEU A 348 9.19 3.18 14.44
C LEU A 348 9.59 4.09 15.58
N ILE A 349 8.80 4.14 16.65
CA ILE A 349 9.13 5.03 17.77
C ILE A 349 10.17 4.40 18.70
N THR A 350 10.14 3.07 18.89
CA THR A 350 11.01 2.44 19.87
C THR A 350 12.48 2.47 19.46
N GLY A 351 12.77 2.59 18.16
CA GLY A 351 14.15 2.73 17.74
C GLY A 351 14.74 1.51 17.04
N ASP A 352 13.96 0.87 16.18
CA ASP A 352 14.49 -0.20 15.34
C ASP A 352 13.90 -0.18 13.94
N VAL A 353 13.21 0.89 13.55
CA VAL A 353 12.70 1.08 12.20
C VAL A 353 13.07 2.50 11.78
N LYS A 354 13.98 2.62 10.81
CA LYS A 354 14.41 3.93 10.35
C LYS A 354 13.24 4.70 9.73
N LEU A 355 13.21 6.00 9.96
CA LEU A 355 12.15 6.83 9.40
C LEU A 355 12.42 7.25 7.96
N ASN A 356 13.62 6.97 7.43
CA ASN A 356 13.93 7.35 6.06
C ASN A 356 13.24 6.47 5.05
N ASN A 357 12.85 5.24 5.43
CA ASN A 357 12.09 4.35 4.56
C ASN A 357 10.59 4.54 4.70
N LEU A 358 10.13 5.74 5.07
CA LEU A 358 8.72 6.01 5.20
C LEU A 358 8.07 6.23 3.83
N SER A 359 6.78 5.96 3.77
CA SER A 359 6.02 6.13 2.53
C SER A 359 5.90 7.60 2.21
N GLY A 360 6.56 8.03 1.13
CA GLY A 360 6.50 9.41 0.69
C GLY A 360 5.49 9.59 -0.42
N PRO A 361 4.93 10.81 -0.52
CA PRO A 361 3.83 11.04 -1.48
C PRO A 361 4.13 10.62 -2.90
N ILE A 362 5.38 10.73 -3.36
CA ILE A 362 5.71 10.27 -4.70
C ILE A 362 5.66 8.75 -4.78
N SER A 363 6.16 8.08 -3.75
CA SER A 363 6.05 6.62 -3.71
C SER A 363 4.59 6.19 -3.58
N ILE A 364 3.80 6.94 -2.81
CA ILE A 364 2.36 6.66 -2.70
C ILE A 364 1.71 6.79 -4.07
N ALA A 365 2.08 7.82 -4.83
CA ALA A 365 1.48 8.04 -6.14
C ALA A 365 1.89 6.95 -7.13
N LYS A 366 3.15 6.53 -7.10
CA LYS A 366 3.58 5.44 -7.97
C LYS A 366 2.87 4.14 -7.64
N GLY A 367 2.71 3.85 -6.35
CA GLY A 367 1.94 2.67 -5.96
C GLY A 367 0.50 2.75 -6.41
N ALA A 368 -0.12 3.94 -6.28
CA ALA A 368 -1.49 4.11 -6.75
C ALA A 368 -1.59 3.88 -8.25
N GLY A 369 -0.64 4.42 -9.01
CA GLY A 369 -0.62 4.19 -10.44
C GLY A 369 -0.51 2.72 -10.80
N MET A 370 0.44 2.02 -10.15
CA MET A 370 0.61 0.59 -10.40
C MET A 370 -0.66 -0.18 -10.07
N THR A 371 -1.28 0.12 -8.92
CA THR A 371 -2.46 -0.63 -8.50
C THR A 371 -3.64 -0.37 -9.43
N ALA A 372 -3.89 0.91 -9.76
CA ALA A 372 -4.97 1.23 -10.67
C ALA A 372 -4.74 0.63 -12.06
N GLU A 373 -3.47 0.46 -12.44
CA GLU A 373 -3.18 -0.27 -13.68
C GLU A 373 -3.51 -1.75 -13.53
N LEU A 374 -3.26 -2.33 -12.34
CA LEU A 374 -3.52 -3.75 -12.14
C LEU A 374 -5.01 -4.07 -12.15
N GLY A 375 -5.86 -3.14 -11.73
CA GLY A 375 -7.29 -3.33 -11.79
C GLY A 375 -7.95 -2.81 -10.53
N VAL A 376 -9.20 -3.22 -10.34
CA VAL A 376 -10.00 -2.76 -9.20
C VAL A 376 -9.76 -3.62 -7.96
N VAL A 377 -9.69 -4.94 -8.14
CA VAL A 377 -9.48 -5.87 -7.05
C VAL A 377 -8.16 -5.65 -6.33
N TYR A 378 -7.23 -4.90 -6.94
CA TYR A 378 -6.00 -4.49 -6.27
C TYR A 378 -6.05 -3.06 -5.78
N TYR A 379 -6.74 -2.17 -6.51
CA TYR A 379 -6.80 -0.77 -6.10
C TYR A 379 -7.63 -0.60 -4.84
N LEU A 380 -8.68 -1.41 -4.66
CA LEU A 380 -9.52 -1.27 -3.46
C LEU A 380 -8.77 -1.65 -2.19
N PRO A 381 -8.02 -2.76 -2.11
CA PRO A 381 -7.23 -3.01 -0.89
C PRO A 381 -6.18 -1.95 -0.61
N PHE A 382 -5.60 -1.35 -1.66
CA PHE A 382 -4.68 -0.24 -1.46
C PHE A 382 -5.39 0.93 -0.80
N LEU A 383 -6.58 1.27 -1.30
CA LEU A 383 -7.37 2.33 -0.68
C LEU A 383 -7.70 1.99 0.77
N ALA A 384 -8.02 0.74 1.06
CA ALA A 384 -8.35 0.35 2.43
C ALA A 384 -7.15 0.48 3.35
N LEU A 385 -5.97 0.06 2.88
CA LEU A 385 -4.76 0.19 3.66
C LEU A 385 -4.46 1.65 3.96
N ILE A 386 -4.50 2.50 2.93
CA ILE A 386 -4.20 3.91 3.15
C ILE A 386 -5.28 4.57 4.01
N SER A 387 -6.52 4.08 3.93
CA SER A 387 -7.58 4.62 4.78
C SER A 387 -7.35 4.27 6.24
N VAL A 388 -6.96 3.02 6.51
CA VAL A 388 -6.62 2.63 7.88
C VAL A 388 -5.48 3.50 8.39
N ASN A 389 -4.46 3.69 7.56
CA ASN A 389 -3.31 4.51 7.96
C ASN A 389 -3.73 5.94 8.29
N LEU A 390 -4.53 6.56 7.40
CA LEU A 390 -4.96 7.94 7.63
C LEU A 390 -5.82 8.04 8.88
N GLY A 391 -6.75 7.12 9.07
CA GLY A 391 -7.61 7.16 10.24
C GLY A 391 -6.86 6.96 11.54
N ILE A 392 -5.80 6.15 11.50
CA ILE A 392 -5.06 5.86 12.72
C ILE A 392 -4.02 6.93 13.04
N ILE A 393 -3.49 7.63 12.03
CA ILE A 393 -2.53 8.69 12.31
C ILE A 393 -3.23 9.99 12.66
N ASN A 394 -4.51 10.15 12.31
CA ASN A 394 -5.26 11.33 12.70
C ASN A 394 -5.86 11.21 14.09
N LEU A 395 -6.02 9.99 14.60
CA LEU A 395 -6.41 9.78 15.99
C LEU A 395 -5.22 9.89 16.95
N PHE A 396 -4.10 10.41 16.45
CA PHE A 396 -2.89 10.58 17.26
C PHE A 396 -3.04 11.80 18.15
N PRO A 397 -2.79 11.68 19.46
CA PRO A 397 -2.98 12.82 20.37
C PRO A 397 -2.06 13.99 20.05
N LEU A 398 -2.51 14.87 19.15
CA LEU A 398 -1.79 16.06 18.73
C LEU A 398 -2.82 17.16 18.52
N PRO A 399 -2.53 18.39 18.98
CA PRO A 399 -3.58 19.43 19.02
C PRO A 399 -4.37 19.61 17.73
N VAL A 400 -3.73 19.54 16.56
CA VAL A 400 -4.43 19.84 15.31
C VAL A 400 -5.22 18.66 14.77
N LEU A 401 -4.99 17.46 15.28
CA LEU A 401 -5.63 16.26 14.76
C LEU A 401 -6.89 15.94 15.56
N ASP A 402 -7.70 15.02 15.01
CA ASP A 402 -8.90 14.56 15.71
C ASP A 402 -8.54 14.01 17.09
N GLY A 403 -7.38 13.36 17.21
CA GLY A 403 -6.99 12.79 18.49
C GLY A 403 -6.73 13.84 19.55
N GLY A 404 -6.12 14.97 19.16
CA GLY A 404 -5.95 16.06 20.11
C GLY A 404 -7.27 16.66 20.53
N HIS A 405 -8.23 16.74 19.60
CA HIS A 405 -9.58 17.15 19.97
C HIS A 405 -10.16 16.23 21.03
N LEU A 406 -10.05 14.91 20.82
CA LEU A 406 -10.57 13.95 21.79
C LEU A 406 -9.85 14.09 23.13
N LEU A 407 -8.54 14.33 23.10
CA LEU A 407 -7.77 14.46 24.33
C LEU A 407 -8.22 15.68 25.14
N PHE A 408 -8.24 16.85 24.51
CA PHE A 408 -8.68 18.05 25.20
C PHE A 408 -10.14 17.93 25.64
N LEU A 409 -10.95 17.20 24.88
CA LEU A 409 -12.35 17.01 25.26
C LEU A 409 -12.48 16.13 26.50
N ALA A 410 -11.66 15.08 26.59
CA ALA A 410 -11.68 14.24 27.78
C ALA A 410 -11.16 15.01 28.99
N ILE A 411 -10.15 15.86 28.79
CA ILE A 411 -9.65 16.66 29.91
C ILE A 411 -10.72 17.66 30.35
N GLU A 412 -11.51 18.19 29.40
CA GLU A 412 -12.62 19.05 29.78
C GLU A 412 -13.68 18.27 30.54
N LYS A 413 -13.96 17.04 30.11
CA LYS A 413 -14.96 16.21 30.78
C LYS A 413 -14.56 15.93 32.23
N ILE A 414 -13.28 15.65 32.45
CA ILE A 414 -12.82 15.40 33.83
C ILE A 414 -12.78 16.70 34.63
N LYS A 415 -12.15 17.73 34.07
CA LYS A 415 -11.98 18.99 34.79
C LYS A 415 -13.28 19.76 34.94
N GLY A 416 -14.19 19.64 33.97
CA GLY A 416 -15.41 20.43 34.00
C GLY A 416 -15.19 21.83 33.47
N GLY A 417 -14.74 21.93 32.22
CA GLY A 417 -14.40 23.19 31.62
C GLY A 417 -13.24 23.04 30.65
N PRO A 418 -13.26 23.82 29.58
CA PRO A 418 -12.19 23.71 28.57
C PRO A 418 -10.82 23.90 29.18
N VAL A 419 -9.86 23.14 28.66
CA VAL A 419 -8.47 23.12 29.14
C VAL A 419 -7.92 24.54 29.25
N SER A 420 -7.75 25.19 28.11
CA SER A 420 -7.01 26.44 28.01
C SER A 420 -7.90 27.54 27.47
N GLU A 421 -7.65 28.76 27.95
CA GLU A 421 -8.26 29.95 27.37
C GLU A 421 -7.58 30.23 26.03
N ARG A 422 -6.39 30.82 26.08
CA ARG A 422 -5.53 30.93 24.92
C ARG A 422 -4.25 30.11 25.06
N VAL A 423 -4.03 29.48 26.21
CA VAL A 423 -2.88 28.61 26.41
C VAL A 423 -2.83 27.50 25.38
N GLN A 424 -3.96 27.22 24.72
CA GLN A 424 -3.95 26.23 23.65
C GLN A 424 -3.35 26.80 22.37
N ASP A 425 -3.75 28.02 21.99
CA ASP A 425 -3.39 28.65 20.72
C ASP A 425 -1.91 28.52 20.37
N PHE A 426 -1.04 28.67 21.37
CA PHE A 426 0.39 28.50 21.14
C PHE A 426 0.76 27.05 20.86
N CYS A 427 -0.13 26.11 21.17
CA CYS A 427 0.02 24.73 20.70
C CYS A 427 -0.74 24.48 19.41
N TYR A 428 -1.83 25.22 19.19
CA TYR A 428 -2.57 25.15 17.94
C TYR A 428 -1.68 25.53 16.76
N ARG A 429 -0.85 26.55 16.93
CA ARG A 429 0.08 26.93 15.87
C ARG A 429 1.28 25.99 15.79
N ILE A 430 1.79 25.55 16.95
CA ILE A 430 2.97 24.69 16.95
C ILE A 430 2.65 23.32 16.38
N GLY A 431 1.39 22.88 16.49
CA GLY A 431 1.00 21.61 15.89
C GLY A 431 0.94 21.69 14.38
N SER A 432 0.45 22.81 13.85
CA SER A 432 0.50 23.01 12.41
C SER A 432 1.93 23.10 11.91
N ILE A 433 2.79 23.77 12.68
CA ILE A 433 4.21 23.84 12.32
C ILE A 433 4.81 22.44 12.29
N LEU A 434 4.51 21.62 13.30
CA LEU A 434 5.04 20.26 13.34
C LEU A 434 4.48 19.41 12.21
N LEU A 435 3.22 19.62 11.84
CA LEU A 435 2.64 18.87 10.72
C LEU A 435 3.30 19.24 9.41
N VAL A 436 3.55 20.53 9.18
CA VAL A 436 4.23 20.95 7.96
C VAL A 436 5.67 20.41 7.94
N LEU A 437 6.33 20.41 9.10
CA LEU A 437 7.67 19.86 9.18
C LEU A 437 7.69 18.37 8.87
N LEU A 438 6.71 17.63 9.40
CA LEU A 438 6.60 16.20 9.12
C LEU A 438 6.34 15.96 7.64
N MET A 439 5.47 16.76 7.03
CA MET A 439 5.21 16.63 5.60
C MET A 439 6.47 16.88 4.78
N GLY A 440 7.23 17.92 5.13
CA GLY A 440 8.46 18.19 4.42
C GLY A 440 9.49 17.09 4.57
N LEU A 441 9.65 16.58 5.80
CA LEU A 441 10.61 15.50 6.02
C LEU A 441 10.19 14.21 5.33
N ALA A 442 8.88 13.97 5.22
CA ALA A 442 8.40 12.79 4.51
C ALA A 442 8.60 12.94 3.01
N LEU A 443 8.45 14.15 2.49
CA LEU A 443 8.69 14.38 1.07
C LEU A 443 10.17 14.27 0.74
N PHE A 444 11.05 14.70 1.65
CA PHE A 444 12.47 14.70 1.36
C PHE A 444 13.07 13.29 1.40
N ASN A 445 12.66 12.47 2.36
CA ASN A 445 13.16 11.09 2.40
C ASN A 445 12.65 10.26 1.24
N ASP A 446 11.56 10.69 0.60
CA ASP A 446 11.09 10.02 -0.61
C ASP A 446 12.02 10.32 -1.79
N PHE A 447 12.43 11.57 -1.93
CA PHE A 447 13.31 11.97 -3.02
C PHE A 447 14.64 11.23 -2.97
ZN ZN B . -11.01 14.40 11.46
C1 BAT C . -8.09 16.48 8.89
C2 BAT C . -9.29 15.97 9.69
C3 BAT C . -7.06 17.07 9.86
C4 BAT C . -7.00 20.01 9.57
C5 BAT C . -5.58 20.20 9.29
C6 BAT C . -5.38 21.46 8.47
C7 BAT C . -6.60 22.09 8.21
C8 BAT C . -7.44 15.33 8.12
C9 BAT C . -8.18 15.10 6.80
C10 BAT C . -8.18 13.61 6.45
C11 BAT C . -6.87 13.19 5.79
C12 BAT C . -9.32 13.36 5.47
C13 BAT C . -5.99 15.65 7.80
C14 BAT C . -3.56 15.22 8.15
C15 BAT C . -3.20 14.37 6.93
C16 BAT C . -2.56 14.19 4.51
C17 BAT C . -2.69 14.84 9.34
C18 BAT C . -1.22 14.70 8.91
C19 BAT C . -0.66 13.51 8.93
C20 BAT C . 0.80 13.36 8.50
C21 BAT C . 1.49 14.40 8.11
C22 BAT C . 0.83 15.79 8.09
C23 BAT C . -0.43 15.92 8.45
N1 BAT C . -10.65 16.28 9.24
N2 BAT C . -4.94 14.93 8.47
N3 BAT C . -2.89 15.01 5.66
O1 BAT C . -9.13 15.34 10.67
O2 BAT C . -11.73 15.81 9.99
O3 BAT C . -5.72 16.48 6.99
O4 BAT C . -3.19 13.19 7.01
S1 BAT C . -7.69 18.63 10.53
S2 BAT C . -7.94 21.29 8.87
ZN ZN D . -33.63 23.81 16.66
#